data_2SPC
#
_entry.id   2SPC
#
_cell.length_a   46.800
_cell.length_b   47.220
_cell.length_c   104.430
_cell.angle_alpha   90.00
_cell.angle_beta   90.00
_cell.angle_gamma   90.00
#
_symmetry.space_group_name_H-M   'P 21 21 2'
#
loop_
_entity.id
_entity.type
_entity.pdbx_description
1 polymer SPECTRIN
2 water water
#
_entity_poly.entity_id   1
_entity_poly.type   'polypeptide(L)'
_entity_poly.pdbx_seq_one_letter_code
;QNLDLQLYMRDCELAESWMSAREAFLNADDDANAGGNVEALIKKHEDFDKAINGHEQKIAALQTVADQLIAQNHYASNLV
DEKRKQVLERWRHLKEGLIEKRSRLGD
;
_entity_poly.pdbx_strand_id   A,B
#
# COMPACT_ATOMS: atom_id res chain seq x y z
N GLN A 1 0.62 -2.70 10.79
CA GLN A 1 1.00 -2.17 12.09
C GLN A 1 0.27 -0.89 12.41
N ASN A 2 -0.09 -0.10 11.40
CA ASN A 2 -0.86 1.12 11.69
C ASN A 2 -2.05 0.76 12.65
N LEU A 3 -2.35 1.61 13.64
CA LEU A 3 -3.42 1.24 14.57
C LEU A 3 -4.78 1.04 13.89
N ASP A 4 -4.96 1.75 12.77
CA ASP A 4 -6.20 1.65 12.02
C ASP A 4 -6.34 0.26 11.45
N LEU A 5 -5.27 -0.23 10.91
CA LEU A 5 -5.29 -1.53 10.35
C LEU A 5 -5.58 -2.50 11.50
N GLN A 6 -5.03 -2.17 12.67
CA GLN A 6 -5.20 -3.04 13.85
C GLN A 6 -6.64 -3.13 14.31
N LEU A 7 -7.34 -1.98 14.28
CA LEU A 7 -8.75 -1.92 14.65
C LEU A 7 -9.58 -2.82 13.72
N TYR A 8 -9.33 -2.70 12.42
CA TYR A 8 -9.96 -3.52 11.41
C TYR A 8 -9.71 -5.04 11.64
N MET A 9 -8.49 -5.40 11.96
CA MET A 9 -8.19 -6.78 12.13
C MET A 9 -9.03 -7.32 13.31
N ARG A 10 -9.05 -6.54 14.36
CA ARG A 10 -9.79 -6.84 15.62
C ARG A 10 -11.28 -7.04 15.25
N ASP A 11 -11.80 -6.06 14.54
CA ASP A 11 -13.18 -6.09 14.09
C ASP A 11 -13.50 -7.33 13.26
N CYS A 12 -12.57 -7.73 12.38
CA CYS A 12 -12.69 -8.95 11.58
C CYS A 12 -12.69 -10.16 12.49
N GLU A 13 -11.76 -10.19 13.44
CA GLU A 13 -11.71 -11.31 14.37
C GLU A 13 -13.04 -11.46 15.21
N LEU A 14 -13.58 -10.35 15.66
CA LEU A 14 -14.81 -10.27 16.42
C LEU A 14 -15.98 -10.79 15.55
N ALA A 15 -16.03 -10.38 14.24
CA ALA A 15 -17.05 -10.84 13.31
C ALA A 15 -16.92 -12.32 13.09
N GLU A 16 -15.67 -12.84 12.99
CA GLU A 16 -15.52 -14.27 12.81
C GLU A 16 -16.06 -15.07 14.01
N SER A 17 -15.76 -14.56 15.19
CA SER A 17 -16.08 -15.18 16.43
C SER A 17 -17.63 -15.20 16.55
N TRP A 18 -18.30 -14.10 16.21
CA TRP A 18 -19.78 -14.08 16.25
C TRP A 18 -20.28 -15.12 15.26
N MET A 19 -19.65 -15.25 14.07
CA MET A 19 -20.06 -16.26 13.11
C MET A 19 -19.94 -17.66 13.67
N SER A 20 -18.83 -17.89 14.41
CA SER A 20 -18.57 -19.17 15.04
C SER A 20 -19.62 -19.54 16.08
N ALA A 21 -20.06 -18.57 16.82
CA ALA A 21 -21.09 -18.78 17.83
C ALA A 21 -22.39 -19.28 17.08
N ARG A 22 -22.73 -18.59 16.00
CA ARG A 22 -23.89 -18.95 15.16
C ARG A 22 -23.70 -20.35 14.60
N GLU A 23 -22.46 -20.75 14.19
CA GLU A 23 -22.31 -22.10 13.70
C GLU A 23 -22.64 -23.12 14.83
N ALA A 24 -22.28 -22.80 16.09
CA ALA A 24 -22.53 -23.73 17.19
C ALA A 24 -24.05 -23.86 17.42
N PHE A 25 -24.73 -22.72 17.36
CA PHE A 25 -26.20 -22.58 17.50
C PHE A 25 -26.93 -23.46 16.46
N LEU A 26 -26.49 -23.43 15.25
CA LEU A 26 -27.10 -24.23 14.25
C LEU A 26 -26.99 -25.67 14.65
N ASN A 27 -25.91 -26.02 15.26
CA ASN A 27 -25.70 -27.41 15.61
C ASN A 27 -26.60 -27.89 16.75
N ALA A 28 -26.72 -27.07 17.77
CA ALA A 28 -27.54 -27.43 18.89
C ALA A 28 -28.96 -27.62 18.39
N ASP A 29 -29.37 -26.67 17.54
CA ASP A 29 -30.67 -26.60 16.90
C ASP A 29 -30.98 -27.92 16.21
N ASP A 30 -30.01 -28.39 15.42
CA ASP A 30 -30.15 -29.66 14.72
C ASP A 30 -30.28 -30.85 15.67
N ASP A 31 -29.90 -30.65 16.92
CA ASP A 31 -30.06 -31.74 17.90
C ASP A 31 -31.51 -31.77 18.44
N ALA A 32 -32.25 -30.66 18.29
CA ALA A 32 -33.64 -30.58 18.74
C ALA A 32 -34.53 -29.78 17.79
N ASN A 33 -34.08 -28.55 17.50
CA ASN A 33 -34.78 -27.62 16.60
C ASN A 33 -36.04 -26.96 17.19
N ALA A 34 -36.94 -26.60 16.29
CA ALA A 34 -38.16 -25.96 16.73
C ALA A 34 -39.26 -26.97 17.04
N GLY A 35 -40.37 -26.79 16.29
CA GLY A 35 -41.60 -27.61 16.35
C GLY A 35 -42.60 -27.24 15.23
N GLY A 36 -43.12 -28.31 14.59
CA GLY A 36 -44.09 -28.26 13.49
C GLY A 36 -45.36 -27.41 13.72
N ASN A 37 -45.36 -26.47 14.68
CA ASN A 37 -46.51 -25.56 14.88
C ASN A 37 -46.31 -24.39 13.93
N VAL A 38 -47.37 -23.98 13.24
CA VAL A 38 -47.34 -22.87 12.31
C VAL A 38 -46.85 -21.58 12.90
N GLU A 39 -47.44 -21.10 13.98
CA GLU A 39 -47.00 -19.82 14.52
C GLU A 39 -45.48 -19.70 14.71
N ALA A 40 -44.92 -20.73 15.30
CA ALA A 40 -43.51 -20.78 15.62
C ALA A 40 -42.55 -21.36 14.57
N LEU A 41 -43.06 -21.89 13.46
CA LEU A 41 -42.18 -22.37 12.43
C LEU A 41 -41.86 -21.07 11.70
N ILE A 42 -42.88 -20.24 11.70
CA ILE A 42 -42.79 -18.95 11.14
C ILE A 42 -41.93 -18.05 12.01
N LYS A 43 -42.12 -18.05 13.30
CA LYS A 43 -41.32 -17.22 14.19
C LYS A 43 -39.81 -17.54 14.10
N LYS A 44 -39.52 -18.82 13.94
CA LYS A 44 -38.16 -19.30 13.80
C LYS A 44 -37.59 -18.85 12.44
N HIS A 45 -38.44 -18.93 11.43
CA HIS A 45 -38.08 -18.49 10.12
C HIS A 45 -37.61 -17.05 10.13
N GLU A 46 -38.38 -16.16 10.78
CA GLU A 46 -38.06 -14.76 10.86
C GLU A 46 -36.76 -14.52 11.60
N ASP A 47 -36.48 -15.38 12.57
CA ASP A 47 -35.28 -15.36 13.33
C ASP A 47 -34.06 -15.65 12.44
N PHE A 48 -34.17 -16.62 11.52
CA PHE A 48 -33.07 -16.92 10.61
C PHE A 48 -32.83 -15.75 9.63
N ASP A 49 -33.93 -15.20 9.10
CA ASP A 49 -33.87 -14.04 8.23
C ASP A 49 -33.15 -12.86 8.93
N LYS A 50 -33.48 -12.67 10.20
CA LYS A 50 -32.88 -11.62 11.00
C LYS A 50 -31.37 -11.93 11.12
N ALA A 51 -31.01 -13.20 11.45
CA ALA A 51 -29.61 -13.57 11.60
C ALA A 51 -28.85 -13.28 10.28
N ILE A 52 -29.35 -13.90 9.21
CA ILE A 52 -28.74 -13.73 7.93
C ILE A 52 -28.57 -12.27 7.60
N ASN A 53 -29.57 -11.47 7.90
CA ASN A 53 -29.49 -10.06 7.54
C ASN A 53 -28.39 -9.29 8.27
N GLY A 54 -28.34 -9.50 9.56
CA GLY A 54 -27.37 -8.87 10.44
C GLY A 54 -25.94 -9.28 10.03
N HIS A 55 -25.79 -10.54 9.69
CA HIS A 55 -24.51 -11.04 9.26
C HIS A 55 -24.06 -10.34 8.02
N GLU A 56 -24.96 -10.25 7.01
CA GLU A 56 -24.68 -9.63 5.74
C GLU A 56 -24.28 -8.18 5.88
N GLN A 57 -24.94 -7.49 6.78
CA GLN A 57 -24.68 -6.11 7.02
C GLN A 57 -23.31 -5.90 7.65
N LYS A 58 -23.00 -6.73 8.65
CA LYS A 58 -21.75 -6.59 9.31
C LYS A 58 -20.63 -6.84 8.27
N ILE A 59 -20.83 -7.86 7.43
CA ILE A 59 -19.86 -8.22 6.40
C ILE A 59 -19.66 -6.97 5.49
N ALA A 60 -20.74 -6.35 5.04
CA ALA A 60 -20.58 -5.21 4.15
C ALA A 60 -19.86 -4.05 4.84
N ALA A 61 -20.12 -3.82 6.11
CA ALA A 61 -19.36 -2.74 6.70
C ALA A 61 -17.84 -3.05 6.74
N LEU A 62 -17.47 -4.27 6.97
CA LEU A 62 -16.04 -4.58 7.08
C LEU A 62 -15.40 -4.38 5.73
N GLN A 63 -16.14 -4.74 4.70
CA GLN A 63 -15.63 -4.63 3.35
C GLN A 63 -15.40 -3.18 3.05
N THR A 64 -16.19 -2.33 3.71
CA THR A 64 -16.03 -0.93 3.47
C THR A 64 -14.76 -0.38 4.08
N VAL A 65 -14.45 -0.94 5.22
CA VAL A 65 -13.23 -0.52 5.91
C VAL A 65 -12.02 -1.04 5.16
N ALA A 66 -12.09 -2.29 4.67
CA ALA A 66 -10.96 -2.92 3.92
C ALA A 66 -10.60 -2.05 2.69
N ASP A 67 -11.68 -1.63 1.99
CA ASP A 67 -11.56 -0.80 0.81
C ASP A 67 -10.85 0.50 1.15
N GLN A 68 -11.12 1.03 2.31
CA GLN A 68 -10.49 2.30 2.68
C GLN A 68 -9.00 2.17 2.99
N LEU A 69 -8.67 1.13 3.70
CA LEU A 69 -7.32 0.93 4.09
C LEU A 69 -6.51 0.64 2.87
N ILE A 70 -7.01 -0.21 1.97
CA ILE A 70 -6.29 -0.53 0.74
C ILE A 70 -6.09 0.73 -0.15
N ALA A 71 -7.14 1.59 -0.28
CA ALA A 71 -7.12 2.80 -1.05
C ALA A 71 -6.06 3.76 -0.40
N GLN A 72 -5.92 3.78 0.91
CA GLN A 72 -4.90 4.62 1.53
C GLN A 72 -3.50 4.08 1.18
N ASN A 73 -3.33 2.78 1.23
CA ASN A 73 -2.07 2.18 0.92
C ASN A 73 -1.68 2.45 -0.56
N HIS A 74 -2.67 2.30 -1.46
CA HIS A 74 -2.46 2.53 -2.85
C HIS A 74 -2.06 3.97 -3.09
N TYR A 75 -2.70 4.88 -2.41
CA TYR A 75 -2.39 6.29 -2.57
C TYR A 75 -0.94 6.57 -2.12
N ALA A 76 -0.50 5.99 -1.01
CA ALA A 76 0.81 6.25 -0.51
C ALA A 76 1.85 5.70 -1.47
N SER A 77 1.67 4.44 -1.92
CA SER A 77 2.56 3.79 -2.86
C SER A 77 2.69 4.58 -4.16
N ASN A 78 1.56 5.07 -4.66
CA ASN A 78 1.55 5.84 -5.88
C ASN A 78 2.36 7.15 -5.75
N LEU A 79 2.24 7.79 -4.61
CA LEU A 79 2.92 9.06 -4.35
C LEU A 79 4.46 8.79 -4.31
N VAL A 80 4.82 7.75 -3.56
CA VAL A 80 6.18 7.30 -3.42
C VAL A 80 6.84 7.03 -4.80
N ASP A 81 6.19 6.21 -5.60
CA ASP A 81 6.67 5.80 -6.86
C ASP A 81 6.74 6.93 -7.83
N GLU A 82 5.74 7.76 -7.83
CA GLU A 82 5.70 8.88 -8.75
C GLU A 82 6.83 9.94 -8.41
N LYS A 83 7.08 10.20 -7.14
CA LYS A 83 8.09 11.08 -6.69
C LYS A 83 9.40 10.49 -7.20
N ARG A 84 9.57 9.19 -7.04
CA ARG A 84 10.78 8.49 -7.51
C ARG A 84 11.04 8.73 -8.98
N LYS A 85 10.01 8.56 -9.78
CA LYS A 85 10.10 8.76 -11.21
C LYS A 85 10.52 10.21 -11.55
N GLN A 86 9.98 11.21 -10.84
CA GLN A 86 10.30 12.61 -11.04
C GLN A 86 11.76 12.91 -10.69
N VAL A 87 12.22 12.34 -9.61
CA VAL A 87 13.58 12.45 -9.14
C VAL A 87 14.57 11.82 -10.19
N LEU A 88 14.23 10.59 -10.65
CA LEU A 88 15.03 9.88 -11.63
C LEU A 88 15.13 10.70 -12.91
N GLU A 89 14.02 11.30 -13.33
CA GLU A 89 13.98 12.09 -14.57
C GLU A 89 14.79 13.43 -14.48
N ARG A 90 14.83 14.01 -13.30
CA ARG A 90 15.55 15.19 -13.05
C ARG A 90 17.04 14.82 -13.06
N TRP A 91 17.35 13.59 -12.66
CA TRP A 91 18.73 13.12 -12.65
C TRP A 91 19.17 12.86 -14.07
N ARG A 92 18.22 12.42 -14.87
CA ARG A 92 18.54 12.15 -16.24
C ARG A 92 18.98 13.41 -16.97
N HIS A 93 18.41 14.55 -16.58
CA HIS A 93 18.76 15.81 -17.17
C HIS A 93 20.04 16.38 -16.55
N LEU A 94 20.25 16.21 -15.26
CA LEU A 94 21.50 16.62 -14.65
C LEU A 94 22.61 15.88 -15.39
N LYS A 95 22.57 14.56 -15.27
CA LYS A 95 23.53 13.66 -15.90
C LYS A 95 23.85 14.07 -17.30
N GLU A 96 22.86 14.48 -18.05
CA GLU A 96 23.13 14.86 -19.40
C GLU A 96 24.09 16.05 -19.50
N GLY A 97 23.91 16.99 -18.62
CA GLY A 97 24.76 18.14 -18.62
C GLY A 97 26.16 17.69 -18.23
N LEU A 98 26.27 17.10 -17.05
CA LEU A 98 27.55 16.65 -16.55
C LEU A 98 28.46 16.09 -17.64
N ILE A 99 28.00 15.01 -18.27
CA ILE A 99 28.68 14.25 -19.30
C ILE A 99 29.07 15.08 -20.52
N GLU A 100 28.07 15.80 -21.03
CA GLU A 100 28.25 16.70 -22.17
C GLU A 100 29.34 17.76 -21.90
N LYS A 101 29.18 18.51 -20.80
CA LYS A 101 30.13 19.52 -20.36
C LYS A 101 31.51 18.90 -20.23
N ARG A 102 31.50 17.61 -19.85
CA ARG A 102 32.69 16.81 -19.68
C ARG A 102 33.37 16.53 -21.06
N SER A 103 32.54 16.56 -22.11
CA SER A 103 32.92 16.41 -23.49
C SER A 103 33.49 17.74 -23.96
N ARG A 104 32.72 18.78 -23.72
CA ARG A 104 33.05 20.14 -24.09
C ARG A 104 34.40 20.59 -23.56
N LEU A 105 34.92 19.92 -22.56
CA LEU A 105 36.20 20.31 -22.00
C LEU A 105 37.22 20.56 -23.09
N GLY A 106 36.93 19.90 -24.24
CA GLY A 106 37.66 19.86 -25.52
C GLY A 106 37.28 18.60 -26.29
N ASP A 107 36.96 18.74 -27.58
CA ASP A 107 36.54 17.57 -28.37
C ASP A 107 37.36 17.25 -29.60
N GLN B 1 0.51 8.26 3.33
CA GLN B 1 1.18 7.39 4.33
C GLN B 1 1.73 8.23 5.51
N ASN B 2 2.51 7.61 6.38
CA ASN B 2 2.98 8.41 7.49
C ASN B 2 4.48 8.77 7.60
N LEU B 3 5.06 8.73 8.79
CA LEU B 3 6.46 9.07 9.04
C LEU B 3 7.47 8.65 7.95
N ASP B 4 7.63 7.34 7.74
CA ASP B 4 8.54 6.81 6.73
C ASP B 4 8.33 7.53 5.43
N LEU B 5 7.06 7.73 5.09
CA LEU B 5 6.81 8.40 3.85
C LEU B 5 7.34 9.83 3.90
N GLN B 6 7.04 10.56 5.01
CA GLN B 6 7.49 11.95 5.13
C GLN B 6 9.07 12.08 4.97
N LEU B 7 9.81 11.26 5.71
CA LEU B 7 11.26 11.30 5.65
C LEU B 7 11.76 11.08 4.21
N TYR B 8 11.17 10.08 3.54
CA TYR B 8 11.56 9.81 2.17
C TYR B 8 11.26 10.96 1.24
N MET B 9 10.13 11.62 1.45
CA MET B 9 9.88 12.70 0.53
C MET B 9 10.89 13.84 0.84
N ARG B 10 11.21 13.99 2.08
CA ARG B 10 12.12 15.05 2.45
C ARG B 10 13.52 14.69 1.84
N ASP B 11 13.93 13.43 1.95
CA ASP B 11 15.18 12.99 1.41
C ASP B 11 15.27 13.28 -0.07
N CYS B 12 14.17 13.01 -0.79
CA CYS B 12 14.10 13.24 -2.22
C CYS B 12 14.25 14.74 -2.50
N GLU B 13 13.58 15.54 -1.68
CA GLU B 13 13.60 16.98 -1.81
C GLU B 13 15.05 17.52 -1.62
N LEU B 14 15.70 16.99 -0.58
CA LEU B 14 17.09 17.36 -0.27
C LEU B 14 17.98 16.96 -1.42
N ALA B 15 17.77 15.75 -1.94
CA ALA B 15 18.51 15.32 -3.11
C ALA B 15 18.30 16.26 -4.28
N GLU B 16 17.02 16.60 -4.56
CA GLU B 16 16.72 17.47 -5.68
C GLU B 16 17.35 18.83 -5.42
N SER B 17 17.46 19.19 -4.14
CA SER B 17 18.06 20.50 -3.94
C SER B 17 19.56 20.48 -4.33
N TRP B 18 20.21 19.38 -3.97
CA TRP B 18 21.60 19.15 -4.26
C TRP B 18 21.82 19.16 -5.77
N MET B 19 20.90 18.55 -6.53
CA MET B 19 21.03 18.52 -7.98
C MET B 19 20.75 19.89 -8.62
N SER B 20 20.08 20.74 -7.88
CA SER B 20 19.78 22.02 -8.45
C SER B 20 21.00 22.92 -8.27
N ALA B 21 21.74 22.67 -7.21
CA ALA B 21 22.90 23.45 -6.99
C ALA B 21 23.94 23.07 -8.03
N ARG B 22 24.16 21.79 -8.20
CA ARG B 22 25.08 21.24 -9.19
C ARG B 22 24.82 21.75 -10.60
N GLU B 23 23.61 21.49 -11.07
CA GLU B 23 23.14 21.95 -12.34
C GLU B 23 23.33 23.47 -12.41
N ALA B 24 23.39 24.14 -11.24
CA ALA B 24 23.57 25.57 -11.28
C ALA B 24 25.03 25.86 -11.62
N PHE B 25 25.94 25.21 -10.84
CA PHE B 25 27.38 25.35 -11.04
C PHE B 25 27.65 25.06 -12.50
N LEU B 26 26.96 24.04 -12.99
CA LEU B 26 27.12 23.69 -14.37
C LEU B 26 26.82 24.87 -15.26
N ASN B 27 25.81 25.69 -14.90
CA ASN B 27 25.46 26.87 -15.70
C ASN B 27 26.64 27.84 -15.77
N ALA B 28 27.23 28.10 -14.61
CA ALA B 28 28.37 28.95 -14.53
C ALA B 28 29.39 28.31 -15.47
N ASP B 29 29.75 27.05 -15.13
CA ASP B 29 30.68 26.27 -15.93
C ASP B 29 30.27 26.30 -17.36
N ASP B 30 28.96 26.12 -17.63
CA ASP B 30 28.34 26.13 -18.97
C ASP B 30 29.13 26.97 -19.96
N ASP B 31 29.72 28.00 -19.40
CA ASP B 31 30.58 28.92 -20.13
C ASP B 31 32.01 28.68 -19.63
N ALA B 32 32.16 28.97 -18.34
CA ALA B 32 33.39 28.85 -17.55
C ALA B 32 34.59 28.17 -18.23
N ASN B 33 34.88 28.63 -19.47
CA ASN B 33 36.03 28.15 -20.25
C ASN B 33 37.25 29.08 -20.09
N ALA B 34 38.33 28.53 -19.54
CA ALA B 34 39.55 29.29 -19.35
C ALA B 34 40.77 28.56 -19.97
N GLY B 35 40.52 27.95 -21.14
CA GLY B 35 41.53 27.22 -21.86
C GLY B 35 41.80 25.87 -21.20
N GLY B 36 42.76 25.87 -20.25
CA GLY B 36 43.19 24.69 -19.50
C GLY B 36 44.46 24.01 -20.04
N ASN B 37 45.20 23.42 -19.11
CA ASN B 37 46.42 22.66 -19.38
C ASN B 37 46.13 21.26 -18.93
N VAL B 38 46.88 20.28 -19.45
CA VAL B 38 46.69 18.86 -19.12
C VAL B 38 46.28 18.53 -17.71
N GLU B 39 47.18 18.67 -16.76
CA GLU B 39 46.87 18.36 -15.38
C GLU B 39 45.53 18.91 -14.88
N ALA B 40 45.18 20.16 -15.22
CA ALA B 40 43.92 20.72 -14.76
C ALA B 40 42.72 20.27 -15.58
N LEU B 41 42.92 19.99 -16.85
CA LEU B 41 41.79 19.54 -17.60
C LEU B 41 41.43 18.22 -16.95
N ILE B 42 42.46 17.40 -16.84
CA ILE B 42 42.31 16.09 -16.29
C ILE B 42 41.67 16.07 -14.91
N LYS B 43 41.99 17.05 -14.08
CA LYS B 43 41.41 17.11 -12.75
C LYS B 43 39.94 17.60 -12.78
N LYS B 44 39.59 18.36 -13.80
CA LYS B 44 38.23 18.83 -14.01
C LYS B 44 37.34 17.63 -14.41
N HIS B 45 37.82 16.91 -15.44
CA HIS B 45 37.18 15.73 -15.94
C HIS B 45 36.89 14.81 -14.75
N GLU B 46 37.93 14.47 -13.99
CA GLU B 46 37.79 13.64 -12.81
C GLU B 46 36.72 14.18 -11.85
N ASP B 47 36.73 15.48 -11.71
CA ASP B 47 35.80 16.06 -10.80
C ASP B 47 34.34 15.78 -11.23
N PHE B 48 34.18 15.63 -12.55
CA PHE B 48 32.89 15.38 -13.13
C PHE B 48 32.49 13.96 -12.83
N ASP B 49 33.37 13.07 -13.15
CA ASP B 49 33.11 11.70 -12.91
C ASP B 49 32.68 11.50 -11.48
N LYS B 50 33.37 12.12 -10.56
CA LYS B 50 33.05 11.97 -9.15
C LYS B 50 31.64 12.47 -8.82
N ALA B 51 31.26 13.63 -9.35
CA ALA B 51 29.93 14.11 -9.06
C ALA B 51 28.95 13.15 -9.70
N ILE B 52 29.26 12.73 -10.92
CA ILE B 52 28.36 11.79 -11.57
C ILE B 52 28.14 10.52 -10.76
N ASN B 53 29.19 10.06 -10.10
CA ASN B 53 29.07 8.87 -9.32
C ASN B 53 28.36 9.06 -7.99
N GLY B 54 28.45 10.27 -7.44
CA GLY B 54 27.83 10.60 -6.18
C GLY B 54 26.32 10.71 -6.32
N HIS B 55 25.97 11.36 -7.41
CA HIS B 55 24.59 11.54 -7.76
C HIS B 55 23.89 10.22 -8.00
N GLU B 56 24.58 9.36 -8.74
CA GLU B 56 24.08 8.08 -9.10
C GLU B 56 23.86 7.27 -7.85
N GLN B 57 24.77 7.48 -6.90
CA GLN B 57 24.70 6.76 -5.66
C GLN B 57 23.49 7.21 -4.80
N LYS B 58 23.28 8.53 -4.74
CA LYS B 58 22.19 9.06 -3.93
C LYS B 58 20.90 8.45 -4.49
N ILE B 59 20.75 8.52 -5.82
CA ILE B 59 19.60 8.01 -6.54
C ILE B 59 19.29 6.55 -6.25
N ALA B 60 20.31 5.75 -6.32
CA ALA B 60 20.16 4.38 -6.03
C ALA B 60 19.63 4.20 -4.63
N ALA B 61 20.18 4.93 -3.70
CA ALA B 61 19.73 4.77 -2.36
C ALA B 61 18.28 5.29 -2.20
N LEU B 62 17.87 6.27 -2.98
CA LEU B 62 16.54 6.77 -2.83
C LEU B 62 15.59 5.69 -3.33
N GLN B 63 16.02 5.06 -4.40
CA GLN B 63 15.29 3.97 -5.00
C GLN B 63 15.02 2.86 -4.00
N THR B 64 16.09 2.45 -3.28
CA THR B 64 15.95 1.42 -2.28
C THR B 64 14.86 1.77 -1.26
N VAL B 65 14.88 3.00 -0.79
CA VAL B 65 13.88 3.38 0.17
C VAL B 65 12.46 3.33 -0.43
N ALA B 66 12.35 3.76 -1.69
CA ALA B 66 11.05 3.77 -2.35
C ALA B 66 10.53 2.32 -2.41
N ASP B 67 11.40 1.41 -2.89
CA ASP B 67 11.03 0.01 -2.93
C ASP B 67 10.60 -0.51 -1.53
N GLN B 68 11.28 -0.17 -0.44
CA GLN B 68 10.92 -0.63 0.85
C GLN B 68 9.55 -0.10 1.25
N LEU B 69 9.30 1.16 0.94
CA LEU B 69 8.04 1.74 1.31
C LEU B 69 6.89 1.05 0.60
N ILE B 70 7.10 0.86 -0.71
CA ILE B 70 6.11 0.24 -1.52
C ILE B 70 5.87 -1.20 -1.04
N ALA B 71 6.96 -1.92 -0.67
CA ALA B 71 6.82 -3.30 -0.22
C ALA B 71 6.00 -3.37 1.08
N GLN B 72 6.21 -2.42 1.96
CA GLN B 72 5.51 -2.32 3.22
C GLN B 72 4.01 -2.02 2.97
N ASN B 73 3.71 -1.12 2.09
CA ASN B 73 2.37 -0.85 1.80
C ASN B 73 1.72 -2.10 1.16
N HIS B 74 2.42 -2.80 0.22
CA HIS B 74 1.84 -3.96 -0.40
C HIS B 74 1.55 -5.01 0.62
N TYR B 75 2.44 -5.24 1.52
CA TYR B 75 2.25 -6.21 2.55
C TYR B 75 0.94 -5.93 3.37
N ALA B 76 0.79 -4.69 3.83
CA ALA B 76 -0.32 -4.26 4.64
C ALA B 76 -1.62 -4.45 3.83
N SER B 77 -1.63 -4.07 2.53
CA SER B 77 -2.81 -4.27 1.72
C SER B 77 -3.17 -5.76 1.57
N ASN B 78 -2.17 -6.59 1.47
CA ASN B 78 -2.35 -7.97 1.36
C ASN B 78 -2.95 -8.57 2.63
N LEU B 79 -2.48 -8.05 3.79
CA LEU B 79 -2.98 -8.51 5.08
C LEU B 79 -4.43 -8.19 5.12
N VAL B 80 -4.73 -6.96 4.82
CA VAL B 80 -6.10 -6.42 4.76
C VAL B 80 -7.03 -7.23 3.86
N ASP B 81 -6.59 -7.40 2.59
CA ASP B 81 -7.33 -8.15 1.58
C ASP B 81 -7.57 -9.56 2.00
N GLU B 82 -6.53 -10.19 2.51
CA GLU B 82 -6.60 -11.56 2.92
C GLU B 82 -7.54 -11.81 4.08
N LYS B 83 -7.55 -10.89 5.03
CA LYS B 83 -8.48 -11.01 6.17
C LYS B 83 -9.94 -10.96 5.64
N ARG B 84 -10.17 -10.00 4.77
CA ARG B 84 -11.43 -9.75 4.10
C ARG B 84 -11.93 -11.01 3.38
N LYS B 85 -11.03 -11.67 2.63
CA LYS B 85 -11.33 -12.91 1.94
C LYS B 85 -11.79 -13.99 2.95
N GLN B 86 -11.04 -13.97 4.07
CA GLN B 86 -11.29 -14.89 5.15
C GLN B 86 -12.68 -14.72 5.79
N VAL B 87 -13.02 -13.52 6.14
CA VAL B 87 -14.28 -13.20 6.71
C VAL B 87 -15.39 -13.66 5.72
N LEU B 88 -15.17 -13.33 4.45
CA LEU B 88 -16.16 -13.68 3.44
C LEU B 88 -16.32 -15.17 3.32
N GLU B 89 -15.26 -15.93 3.46
CA GLU B 89 -15.43 -17.36 3.25
C GLU B 89 -16.12 -18.00 4.44
N ARG B 90 -15.73 -17.53 5.62
CA ARG B 90 -16.33 -17.96 6.87
C ARG B 90 -17.86 -17.61 6.78
N TRP B 91 -18.20 -16.43 6.24
CA TRP B 91 -19.57 -16.03 6.06
C TRP B 91 -20.29 -16.92 5.09
N ARG B 92 -19.66 -17.25 3.97
CA ARG B 92 -20.29 -18.16 3.02
C ARG B 92 -20.67 -19.53 3.60
N HIS B 93 -19.84 -20.06 4.48
CA HIS B 93 -20.04 -21.35 5.09
C HIS B 93 -21.23 -21.28 6.10
N LEU B 94 -21.27 -20.24 6.89
CA LEU B 94 -22.37 -20.02 7.84
C LEU B 94 -23.71 -19.77 7.09
N LYS B 95 -23.71 -18.91 6.12
CA LYS B 95 -24.91 -18.65 5.33
C LYS B 95 -25.52 -19.92 4.74
N GLU B 96 -24.65 -20.83 4.26
CA GLU B 96 -25.02 -22.11 3.66
C GLU B 96 -25.84 -22.87 4.69
N GLY B 97 -25.38 -22.91 5.91
CA GLY B 97 -26.04 -23.60 7.00
C GLY B 97 -27.34 -22.89 7.48
N LEU B 98 -27.37 -21.57 7.47
CA LEU B 98 -28.55 -20.87 7.90
C LEU B 98 -29.68 -21.08 6.90
N ILE B 99 -29.34 -21.07 5.64
CA ILE B 99 -30.28 -21.28 4.61
C ILE B 99 -30.87 -22.68 4.65
N GLU B 100 -30.08 -23.65 5.11
CA GLU B 100 -30.44 -25.05 5.18
C GLU B 100 -31.40 -25.31 6.33
N LYS B 101 -31.05 -24.82 7.50
CA LYS B 101 -31.87 -24.98 8.64
C LYS B 101 -33.07 -24.05 8.52
N ARG B 102 -32.96 -22.99 7.72
CA ARG B 102 -34.15 -22.17 7.54
C ARG B 102 -35.20 -23.09 6.83
N SER B 103 -35.00 -23.39 5.54
CA SER B 103 -35.81 -24.15 4.62
C SER B 103 -36.62 -25.37 5.09
N ARG B 104 -36.07 -26.03 6.14
CA ARG B 104 -36.80 -27.14 6.71
C ARG B 104 -38.02 -26.46 7.33
N LEU B 105 -37.65 -25.45 8.08
CA LEU B 105 -38.55 -24.53 8.72
C LEU B 105 -39.05 -23.56 7.65
N GLY B 106 -39.68 -24.15 6.65
CA GLY B 106 -40.22 -23.31 5.63
C GLY B 106 -41.06 -24.06 4.64
N ASP B 107 -40.47 -25.10 4.04
CA ASP B 107 -41.14 -25.90 3.00
C ASP B 107 -40.56 -27.31 2.83
#